data_1U4J
#
_entry.id   1U4J
#
_cell.length_a   80.360
_cell.length_b   80.360
_cell.length_c   99.440
_cell.angle_alpha   90.00
_cell.angle_beta   90.00
_cell.angle_gamma   120.00
#
_symmetry.space_group_name_H-M   'H 3'
#
loop_
_entity.id
_entity.type
_entity.pdbx_description
1 polymer 'phospholipase A2 isoform 2'
2 non-polymer 'SODIUM ION'
3 non-polymer 'CHLORIDE ION'
4 non-polymer 'ACETIC ACID'
5 non-polymer alpha-D-mannopyranose
6 water water
#
_entity_poly.entity_id   1
_entity_poly.type   'polypeptide(L)'
_entity_poly.pdbx_seq_one_letter_code
;NLKQFKNMIQCAGTRTWTSYIGYGCYCGYGGSGTPVDELDRCCYTHDHCYNKAANIPGCNPLIKTYSYTCTKPNITCNDT
SDSCARFICDCDRTAAICFASAPYNINNIMISASTSCQ
;
_entity_poly.pdbx_strand_id   A,B
#
loop_
_chem_comp.id
_chem_comp.type
_chem_comp.name
_chem_comp.formula
ACY non-polymer 'ACETIC ACID' 'C2 H4 O2'
CL non-polymer 'CHLORIDE ION' 'Cl -1'
MAN D-saccharide, alpha linking alpha-D-mannopyranose 'C6 H12 O6'
NA non-polymer 'SODIUM ION' 'Na 1'
#
# COMPACT_ATOMS: atom_id res chain seq x y z
N ASN A 1 -5.16 10.11 6.46
CA ASN A 1 -4.68 9.57 5.16
C ASN A 1 -3.16 9.60 5.09
N LEU A 2 -2.62 9.03 4.02
CA LEU A 2 -1.18 8.93 3.82
C LEU A 2 -0.43 10.26 3.96
N LYS A 3 -0.98 11.35 3.43
CA LYS A 3 -0.33 12.65 3.55
C LYS A 3 -0.26 13.08 5.01
N GLN A 4 -1.28 12.74 5.78
CA GLN A 4 -1.27 13.10 7.19
C GLN A 4 -0.22 12.27 7.94
N PHE A 5 -0.10 10.99 7.58
CA PHE A 5 0.88 10.07 8.18
C PHE A 5 2.29 10.60 7.93
N LYS A 6 2.54 11.05 6.70
CA LYS A 6 3.86 11.58 6.37
C LYS A 6 4.21 12.75 7.28
N ASN A 7 3.29 13.69 7.42
CA ASN A 7 3.52 14.87 8.25
C ASN A 7 3.68 14.47 9.74
N MET A 8 2.91 13.47 10.19
CA MET A 8 3.03 12.96 11.55
C MET A 8 4.44 12.41 11.74
N ILE A 9 4.97 11.74 10.72
CA ILE A 9 6.31 11.18 10.81
C ILE A 9 7.35 12.22 11.11
N GLN A 10 7.31 13.35 10.41
CA GLN A 10 8.31 14.36 10.73
C GLN A 10 7.85 15.22 11.93
N CYS A 11 6.60 15.08 12.37
CA CYS A 11 6.15 15.84 13.53
C CYS A 11 6.83 15.21 14.72
N ALA A 12 6.71 13.89 14.82
CA ALA A 12 7.25 13.17 15.98
C ALA A 12 8.74 12.85 15.94
N GLY A 13 9.31 12.78 14.75
CA GLY A 13 10.72 12.43 14.69
C GLY A 13 11.61 13.37 13.93
N THR A 14 12.86 12.94 13.82
CA THR A 14 13.89 13.66 13.12
C THR A 14 13.87 13.29 11.63
N ARG A 15 13.75 11.99 11.36
CA ARG A 15 13.69 11.50 9.98
C ARG A 15 12.28 11.63 9.43
N THR A 16 12.22 11.89 8.14
CA THR A 16 10.97 12.05 7.44
C THR A 16 10.59 10.71 6.84
N TRP A 17 9.42 10.63 6.21
CA TRP A 17 8.92 9.39 5.64
C TRP A 17 9.79 8.74 4.58
N THR A 18 10.49 9.54 3.78
CA THR A 18 11.32 8.94 2.72
C THR A 18 12.37 8.01 3.30
N SER A 19 12.68 8.25 4.57
CA SER A 19 13.67 7.47 5.29
C SER A 19 13.17 6.05 5.52
N TYR A 20 11.85 5.90 5.48
CA TYR A 20 11.18 4.64 5.71
C TYR A 20 10.49 4.16 4.44
N ILE A 21 11.09 4.43 3.29
CA ILE A 21 10.48 3.98 2.06
C ILE A 21 11.01 2.58 1.75
N GLY A 22 12.25 2.32 2.12
CA GLY A 22 12.82 1.01 1.85
C GLY A 22 13.63 0.50 3.01
N TYR A 23 12.99 0.21 4.13
CA TYR A 23 13.71 -0.26 5.29
C TYR A 23 13.25 -1.63 5.78
N GLY A 24 14.21 -2.47 6.18
CA GLY A 24 13.86 -3.80 6.68
C GLY A 24 12.90 -4.61 5.83
N CYS A 25 12.18 -5.54 6.46
CA CYS A 25 11.26 -6.41 5.74
C CYS A 25 9.81 -5.92 5.65
N TYR A 26 9.48 -4.88 6.40
CA TYR A 26 8.11 -4.37 6.40
C TYR A 26 7.87 -2.86 6.19
N CYS A 27 8.90 -2.03 6.22
CA CYS A 27 8.68 -0.63 6.01
C CYS A 27 8.50 -0.41 4.52
N GLY A 28 7.47 0.35 4.15
CA GLY A 28 7.20 0.60 2.75
C GLY A 28 6.05 -0.34 2.41
N TYR A 29 5.96 -0.77 1.15
CA TYR A 29 4.88 -1.67 0.76
C TYR A 29 5.00 -3.10 1.26
N GLY A 30 3.83 -3.70 1.53
CA GLY A 30 3.76 -5.07 2.01
C GLY A 30 4.94 -5.56 2.81
N GLY A 31 5.41 -6.76 2.52
CA GLY A 31 6.53 -7.30 3.26
C GLY A 31 6.25 -8.71 3.74
N SER A 32 7.32 -9.44 4.04
CA SER A 32 7.22 -10.82 4.50
C SER A 32 8.42 -11.10 5.37
N GLY A 33 8.42 -12.23 6.05
CA GLY A 33 9.54 -12.57 6.91
C GLY A 33 9.35 -12.06 8.32
N THR A 34 10.45 -12.08 9.07
CA THR A 34 10.44 -11.64 10.44
C THR A 34 10.98 -10.21 10.49
N PRO A 35 10.24 -9.28 11.12
CA PRO A 35 10.75 -7.90 11.18
C PRO A 35 12.15 -7.99 11.79
N VAL A 36 13.14 -7.44 11.09
CA VAL A 36 14.53 -7.48 11.54
C VAL A 36 14.90 -6.73 12.82
N ASP A 37 14.13 -5.70 13.16
CA ASP A 37 14.45 -4.95 14.34
C ASP A 37 13.25 -4.14 14.83
N GLU A 38 13.50 -3.34 15.86
CA GLU A 38 12.47 -2.51 16.47
C GLU A 38 11.71 -1.67 15.43
N LEU A 39 12.45 -0.90 14.64
CA LEU A 39 11.84 -0.06 13.61
C LEU A 39 10.98 -0.88 12.67
N ASP A 40 11.53 -1.99 12.19
CA ASP A 40 10.84 -2.87 11.26
C ASP A 40 9.57 -3.39 11.95
N ARG A 41 9.65 -3.63 13.26
CA ARG A 41 8.48 -4.09 13.99
C ARG A 41 7.45 -2.97 14.01
N CYS A 42 7.91 -1.72 14.04
CA CYS A 42 6.99 -0.60 14.02
C CYS A 42 6.16 -0.68 12.74
N CYS A 43 6.86 -0.87 11.62
CA CYS A 43 6.24 -0.95 10.29
C CYS A 43 5.31 -2.15 10.18
N TYR A 44 5.73 -3.25 10.76
CA TYR A 44 4.97 -4.48 10.76
C TYR A 44 3.60 -4.24 11.40
N THR A 45 3.62 -3.58 12.57
CA THR A 45 2.39 -3.28 13.30
C THR A 45 1.48 -2.31 12.53
N HIS A 46 2.08 -1.27 11.95
CA HIS A 46 1.33 -0.28 11.19
C HIS A 46 0.59 -0.92 10.02
N ASP A 47 1.27 -1.85 9.37
CA ASP A 47 0.71 -2.56 8.23
C ASP A 47 -0.56 -3.29 8.60
N HIS A 48 -0.49 -3.98 9.72
CA HIS A 48 -1.62 -4.76 10.21
C HIS A 48 -2.74 -3.85 10.61
N CYS A 49 -2.37 -2.70 11.17
CA CYS A 49 -3.34 -1.73 11.62
C CYS A 49 -4.14 -1.23 10.43
N TYR A 50 -3.42 -0.92 9.36
CA TYR A 50 -4.08 -0.43 8.17
C TYR A 50 -5.00 -1.48 7.59
N ASN A 51 -4.56 -2.71 7.52
CA ASN A 51 -5.29 -3.82 7.01
C ASN A 51 -6.55 -4.06 7.90
N LYS A 52 -6.48 -3.73 9.22
CA LYS A 52 -7.61 -3.92 10.13
C LYS A 52 -8.58 -2.75 9.94
N ALA A 53 -8.05 -1.61 9.50
CA ALA A 53 -8.89 -0.44 9.27
C ALA A 53 -9.99 -0.73 8.24
N ALA A 54 -9.72 -1.64 7.31
CA ALA A 54 -10.68 -2.01 6.28
C ALA A 54 -11.90 -2.66 6.89
N ASN A 55 -11.73 -3.32 8.02
CA ASN A 55 -12.88 -3.97 8.67
C ASN A 55 -13.85 -2.95 9.26
N ILE A 56 -13.63 -1.67 8.99
CA ILE A 56 -14.53 -0.62 9.49
C ILE A 56 -15.26 -0.07 8.27
N PRO A 57 -16.59 0.12 8.38
CA PRO A 57 -17.41 0.65 7.28
C PRO A 57 -16.88 2.01 6.80
N GLY A 58 -16.92 2.20 5.48
CA GLY A 58 -16.49 3.43 4.84
C GLY A 58 -15.12 3.92 5.29
N CYS A 59 -14.21 2.97 5.46
CA CYS A 59 -12.88 3.27 5.94
C CYS A 59 -11.79 2.73 5.02
N ASN A 60 -11.07 3.63 4.38
CA ASN A 60 -9.95 3.29 3.48
C ASN A 60 -8.79 4.05 4.10
N PRO A 61 -7.79 3.31 4.62
CA PRO A 61 -6.62 3.90 5.27
C PRO A 61 -5.79 4.92 4.50
N LEU A 62 -5.72 4.80 3.18
CA LEU A 62 -4.88 5.72 2.44
C LEU A 62 -5.51 7.05 2.10
N ILE A 63 -6.85 7.11 2.06
CA ILE A 63 -7.56 8.33 1.70
C ILE A 63 -8.44 8.98 2.77
N LYS A 64 -8.76 8.24 3.83
CA LYS A 64 -9.60 8.75 4.91
C LYS A 64 -8.85 9.91 5.58
N THR A 65 -9.47 11.08 5.62
CA THR A 65 -8.88 12.27 6.25
C THR A 65 -9.38 12.36 7.68
N TYR A 66 -8.45 12.42 8.63
CA TYR A 66 -8.89 12.51 10.03
C TYR A 66 -8.49 13.86 10.62
N SER A 67 -8.80 14.08 11.89
CA SER A 67 -8.45 15.33 12.55
C SER A 67 -7.32 15.06 13.50
N TYR A 68 -6.27 15.87 13.40
CA TYR A 68 -5.13 15.71 14.29
C TYR A 68 -4.38 17.02 14.31
N THR A 69 -3.57 17.22 15.35
CA THR A 69 -2.78 18.42 15.49
C THR A 69 -1.34 18.04 15.78
N CYS A 70 -0.39 18.87 15.36
CA CYS A 70 1.01 18.62 15.66
C CYS A 70 1.56 19.82 16.41
N THR A 71 2.08 19.56 17.60
CA THR A 71 2.71 20.60 18.40
C THR A 71 4.05 19.93 18.59
N LYS A 72 4.85 20.04 17.53
CA LYS A 72 6.15 19.44 17.43
C LYS A 72 6.92 19.35 18.75
N PRO A 73 7.19 18.10 19.19
CA PRO A 73 7.02 16.80 18.51
C PRO A 73 5.72 16.03 18.89
N ASN A 74 4.75 16.71 19.48
CA ASN A 74 3.54 16.03 19.93
C ASN A 74 2.38 15.96 18.93
N ILE A 75 1.85 14.74 18.73
CA ILE A 75 0.74 14.49 17.82
C ILE A 75 -0.49 14.21 18.65
N THR A 76 -1.62 14.80 18.28
CA THR A 76 -2.86 14.58 18.99
C THR A 76 -3.96 14.22 17.99
N CYS A 77 -4.60 13.08 18.22
CA CYS A 77 -5.70 12.65 17.37
C CYS A 77 -6.95 13.23 18.02
N ASN A 78 -7.72 13.99 17.24
CA ASN A 78 -8.92 14.66 17.77
C ASN A 78 -10.24 13.91 17.72
N ASP A 79 -10.35 12.97 16.79
CA ASP A 79 -11.60 12.25 16.63
C ASP A 79 -12.03 11.35 17.76
N THR A 80 -13.34 11.37 18.01
CA THR A 80 -13.94 10.52 19.02
C THR A 80 -15.10 9.82 18.37
N SER A 81 -16.01 10.60 17.80
CA SER A 81 -17.20 10.07 17.15
C SER A 81 -16.95 9.26 15.88
N ASP A 82 -16.18 9.83 14.97
CA ASP A 82 -15.86 9.19 13.70
C ASP A 82 -14.86 8.05 13.99
N SER A 83 -15.37 6.84 14.26
CA SER A 83 -14.51 5.69 14.58
C SER A 83 -13.43 5.38 13.55
N CYS A 84 -13.75 5.46 12.26
CA CYS A 84 -12.76 5.17 11.25
C CYS A 84 -11.64 6.19 11.39
N ALA A 85 -12.00 7.45 11.48
CA ALA A 85 -11.00 8.51 11.60
C ALA A 85 -10.13 8.27 12.83
N ARG A 86 -10.76 8.01 13.97
CA ARG A 86 -10.03 7.82 15.19
C ARG A 86 -9.10 6.60 15.18
N PHE A 87 -9.56 5.50 14.62
CA PHE A 87 -8.78 4.26 14.55
C PHE A 87 -7.51 4.43 13.71
N ILE A 88 -7.69 5.01 12.54
CA ILE A 88 -6.62 5.24 11.59
C ILE A 88 -5.63 6.31 12.10
N CYS A 89 -6.14 7.37 12.74
CA CYS A 89 -5.24 8.39 13.26
C CYS A 89 -4.37 7.70 14.30
N ASP A 90 -4.96 6.75 15.04
CA ASP A 90 -4.18 6.03 16.07
C ASP A 90 -3.12 5.17 15.42
N CYS A 91 -3.48 4.46 14.33
CA CYS A 91 -2.50 3.64 13.64
C CYS A 91 -1.29 4.51 13.32
N ASP A 92 -1.55 5.61 12.60
CA ASP A 92 -0.51 6.54 12.17
C ASP A 92 0.31 7.20 13.28
N ARG A 93 -0.35 7.62 14.37
CA ARG A 93 0.33 8.27 15.49
C ARG A 93 1.25 7.26 16.14
N THR A 94 0.73 6.07 16.39
CA THR A 94 1.50 4.99 17.00
C THR A 94 2.76 4.73 16.20
N ALA A 95 2.59 4.64 14.88
CA ALA A 95 3.71 4.37 14.00
C ALA A 95 4.70 5.53 14.03
N ALA A 96 4.21 6.75 13.85
CA ALA A 96 5.07 7.94 13.87
C ALA A 96 5.91 7.99 15.15
N ILE A 97 5.28 7.73 16.30
CA ILE A 97 6.00 7.76 17.56
C ILE A 97 6.98 6.59 17.66
N CYS A 98 6.56 5.42 17.18
CA CYS A 98 7.40 4.23 17.21
C CYS A 98 8.65 4.49 16.36
N PHE A 99 8.47 5.08 15.18
CA PHE A 99 9.62 5.38 14.31
C PHE A 99 10.60 6.31 15.00
N ALA A 100 10.08 7.33 15.67
CA ALA A 100 10.93 8.30 16.34
C ALA A 100 11.76 7.71 17.46
N SER A 101 11.17 6.83 18.27
CA SER A 101 11.92 6.24 19.37
C SER A 101 12.80 5.05 18.98
N ALA A 102 12.57 4.44 17.82
CA ALA A 102 13.35 3.28 17.44
C ALA A 102 14.67 3.65 16.75
N PRO A 103 15.71 2.83 16.96
CA PRO A 103 16.98 3.14 16.33
C PRO A 103 16.89 2.89 14.84
N TYR A 104 17.66 3.63 14.05
CA TYR A 104 17.61 3.44 12.61
C TYR A 104 18.93 2.79 12.18
N ASN A 105 18.89 1.46 11.99
CA ASN A 105 20.06 0.68 11.58
C ASN A 105 20.26 0.73 10.06
N ILE A 106 21.23 1.54 9.62
CA ILE A 106 21.47 1.67 8.19
C ILE A 106 21.82 0.34 7.54
N ASN A 107 22.25 -0.58 8.40
CA ASN A 107 22.63 -1.92 8.00
C ASN A 107 21.35 -2.65 7.54
N ASN A 108 20.18 -2.16 7.95
CA ASN A 108 18.93 -2.82 7.57
C ASN A 108 18.13 -2.15 6.46
N ILE A 109 18.77 -1.24 5.74
CA ILE A 109 18.11 -0.62 4.62
C ILE A 109 18.41 -1.61 3.48
N MET A 110 17.47 -1.86 2.59
CA MET A 110 17.76 -2.76 1.48
C MET A 110 18.24 -4.17 1.83
N ILE A 111 17.33 -4.92 2.47
CA ILE A 111 17.57 -6.31 2.87
C ILE A 111 16.40 -7.22 2.49
N SER A 112 15.32 -6.62 2.01
CA SER A 112 14.12 -7.37 1.66
C SER A 112 14.31 -8.48 0.65
N ALA A 113 15.38 -8.44 -0.13
CA ALA A 113 15.56 -9.51 -1.09
C ALA A 113 16.61 -10.50 -0.60
N SER A 114 17.19 -10.17 0.55
CA SER A 114 18.23 -10.98 1.19
C SER A 114 17.64 -12.09 2.05
N THR A 115 18.51 -12.96 2.56
CA THR A 115 18.09 -14.07 3.40
C THR A 115 17.29 -13.60 4.62
N SER A 116 17.50 -12.36 5.03
CA SER A 116 16.83 -11.76 6.20
C SER A 116 15.29 -11.78 6.22
N CYS A 117 14.68 -11.44 5.09
CA CYS A 117 13.22 -11.38 5.00
C CYS A 117 12.75 -12.62 4.26
N GLN A 118 13.77 -13.42 3.94
CA GLN A 118 13.80 -14.68 3.12
C GLN A 118 13.06 -14.73 1.83
N ASN B 1 5.94 2.45 -11.43
CA ASN B 1 5.48 2.91 -10.08
C ASN B 1 3.98 3.15 -10.11
N LEU B 2 3.43 3.55 -8.97
CA LEU B 2 1.98 3.76 -8.83
C LEU B 2 1.37 4.71 -9.88
N LYS B 3 2.05 5.81 -10.19
CA LYS B 3 1.53 6.76 -11.19
C LYS B 3 1.43 6.06 -12.55
N GLN B 4 2.36 5.14 -12.82
CA GLN B 4 2.34 4.42 -14.09
C GLN B 4 1.18 3.43 -14.09
N PHE B 5 0.96 2.78 -12.95
CA PHE B 5 -0.12 1.82 -12.82
C PHE B 5 -1.45 2.52 -13.06
N LYS B 6 -1.60 3.71 -12.46
CA LYS B 6 -2.84 4.47 -12.63
C LYS B 6 -3.07 4.79 -14.12
N ASN B 7 -2.02 5.19 -14.83
CA ASN B 7 -2.19 5.52 -16.25
C ASN B 7 -2.43 4.26 -17.09
N MET B 8 -1.86 3.13 -16.69
CA MET B 8 -2.10 1.87 -17.40
C MET B 8 -3.57 1.52 -17.24
N ILE B 9 -4.10 1.77 -16.06
CA ILE B 9 -5.49 1.43 -15.82
C ILE B 9 -6.41 2.11 -16.81
N GLN B 10 -6.20 3.40 -17.06
CA GLN B 10 -7.07 4.04 -18.03
C GLN B 10 -6.60 3.75 -19.46
N CYS B 11 -5.37 3.28 -19.64
CA CYS B 11 -4.93 2.95 -20.99
C CYS B 11 -5.74 1.76 -21.45
N ALA B 12 -5.71 0.72 -20.64
CA ALA B 12 -6.36 -0.55 -20.99
C ALA B 12 -7.87 -0.61 -20.82
N GLY B 13 -8.42 0.22 -19.96
CA GLY B 13 -9.85 0.16 -19.77
C GLY B 13 -10.60 1.46 -19.85
N THR B 14 -11.87 1.39 -19.54
CA THR B 14 -12.74 2.54 -19.56
C THR B 14 -12.77 3.21 -18.18
N ARG B 15 -12.77 2.42 -17.10
CA ARG B 15 -12.77 3.02 -15.76
C ARG B 15 -11.36 3.40 -15.36
N THR B 16 -11.26 4.44 -14.54
CA THR B 16 -9.96 4.91 -14.10
C THR B 16 -9.63 4.28 -12.74
N TRP B 17 -8.46 4.60 -12.20
CA TRP B 17 -8.04 4.00 -10.95
C TRP B 17 -8.94 4.30 -9.75
N THR B 18 -9.59 5.45 -9.74
CA THR B 18 -10.42 5.79 -8.60
C THR B 18 -11.64 4.88 -8.41
N SER B 19 -12.08 4.20 -9.46
CA SER B 19 -13.25 3.36 -9.28
C SER B 19 -12.88 2.05 -8.59
N TYR B 20 -11.59 1.80 -8.44
CA TYR B 20 -11.10 0.56 -7.82
C TYR B 20 -10.61 0.81 -6.38
N ILE B 21 -10.37 2.08 -6.06
CA ILE B 21 -9.91 2.50 -4.73
C ILE B 21 -10.65 1.80 -3.57
N GLY B 22 -11.95 1.51 -3.73
CA GLY B 22 -12.71 0.88 -2.66
C GLY B 22 -13.64 -0.23 -3.12
N TYR B 23 -13.07 -1.18 -3.85
CA TYR B 23 -13.87 -2.28 -4.37
C TYR B 23 -13.58 -3.63 -3.73
N GLY B 24 -14.63 -4.38 -3.40
CA GLY B 24 -14.47 -5.70 -2.79
C GLY B 24 -13.58 -5.79 -1.57
N CYS B 25 -12.98 -6.96 -1.39
CA CYS B 25 -12.11 -7.25 -0.26
C CYS B 25 -10.64 -6.95 -0.51
N TYR B 26 -10.26 -6.82 -1.77
CA TYR B 26 -8.85 -6.58 -2.08
C TYR B 26 -8.40 -5.39 -2.92
N CYS B 27 -9.31 -4.68 -3.57
CA CYS B 27 -8.90 -3.53 -4.35
C CYS B 27 -8.64 -2.39 -3.38
N GLY B 28 -7.51 -1.71 -3.53
CA GLY B 28 -7.19 -0.62 -2.62
C GLY B 28 -6.22 -1.26 -1.64
N TYR B 29 -5.85 -0.56 -0.57
CA TYR B 29 -4.91 -1.13 0.39
C TYR B 29 -5.29 -2.51 0.94
N GLY B 30 -4.28 -3.28 1.28
CA GLY B 30 -4.43 -4.61 1.84
C GLY B 30 -5.73 -5.35 1.56
N GLY B 31 -6.25 -6.02 2.58
CA GLY B 31 -7.47 -6.78 2.42
C GLY B 31 -7.36 -8.18 3.00
N SER B 32 -8.50 -8.83 3.17
CA SER B 32 -8.56 -10.18 3.71
C SER B 32 -9.83 -10.84 3.25
N GLY B 33 -9.96 -12.12 3.58
CA GLY B 33 -11.13 -12.86 3.18
C GLY B 33 -10.94 -13.40 1.78
N THR B 34 -12.03 -13.85 1.18
CA THR B 34 -12.05 -14.39 -0.15
C THR B 34 -12.43 -13.29 -1.12
N PRO B 35 -11.69 -13.17 -2.24
CA PRO B 35 -12.02 -12.13 -3.23
C PRO B 35 -13.43 -12.42 -3.71
N VAL B 36 -14.33 -11.46 -3.58
CA VAL B 36 -15.73 -11.65 -3.97
C VAL B 36 -16.06 -11.94 -5.43
N ASP B 37 -15.23 -11.44 -6.33
CA ASP B 37 -15.51 -11.69 -7.73
C ASP B 37 -14.26 -11.61 -8.57
N GLU B 38 -14.47 -11.67 -9.88
CA GLU B 38 -13.39 -11.63 -10.84
C GLU B 38 -12.49 -10.40 -10.66
N LEU B 39 -13.10 -9.22 -10.60
CA LEU B 39 -12.37 -7.98 -10.41
C LEU B 39 -11.58 -8.01 -9.11
N ASP B 40 -12.22 -8.44 -8.04
CA ASP B 40 -11.58 -8.52 -6.73
C ASP B 40 -10.40 -9.47 -6.86
N ARG B 41 -10.62 -10.51 -7.65
CA ARG B 41 -9.61 -11.52 -7.87
C ARG B 41 -8.42 -10.84 -8.56
N CYS B 42 -8.70 -9.90 -9.46
CA CYS B 42 -7.65 -9.19 -10.17
C CYS B 42 -6.77 -8.47 -9.13
N CYS B 43 -7.43 -7.78 -8.21
CA CYS B 43 -6.77 -7.02 -7.17
C CYS B 43 -5.96 -7.88 -6.22
N TYR B 44 -6.49 -9.05 -5.93
CA TYR B 44 -5.86 -10.00 -5.03
C TYR B 44 -4.50 -10.41 -5.61
N THR B 45 -4.51 -10.77 -6.89
CA THR B 45 -3.29 -11.18 -7.57
C THR B 45 -2.29 -10.03 -7.61
N HIS B 46 -2.75 -8.85 -7.98
CA HIS B 46 -1.87 -7.70 -8.06
C HIS B 46 -1.18 -7.41 -6.71
N ASP B 47 -1.93 -7.53 -5.62
CA ASP B 47 -1.39 -7.31 -4.27
C ASP B 47 -0.24 -8.25 -4.00
N HIS B 48 -0.45 -9.52 -4.37
CA HIS B 48 0.59 -10.52 -4.15
C HIS B 48 1.79 -10.26 -5.05
N CYS B 49 1.53 -9.81 -6.26
CA CYS B 49 2.60 -9.52 -7.21
C CYS B 49 3.50 -8.44 -6.64
N TYR B 50 2.90 -7.43 -6.04
CA TYR B 50 3.66 -6.34 -5.44
C TYR B 50 4.46 -6.88 -4.28
N ASN B 51 3.89 -7.83 -3.56
CA ASN B 51 4.58 -8.43 -2.43
C ASN B 51 5.85 -9.11 -2.86
N LYS B 52 5.76 -9.84 -3.96
CA LYS B 52 6.88 -10.57 -4.51
C LYS B 52 7.95 -9.66 -5.10
N ALA B 53 7.52 -8.53 -5.67
CA ALA B 53 8.44 -7.57 -6.25
C ALA B 53 9.50 -7.20 -5.22
N ALA B 54 9.08 -7.13 -3.96
CA ALA B 54 9.99 -6.79 -2.88
C ALA B 54 11.09 -7.83 -2.71
N ASN B 55 10.84 -9.06 -3.16
CA ASN B 55 11.87 -10.11 -3.06
C ASN B 55 12.96 -9.86 -4.08
N ILE B 56 12.87 -8.75 -4.82
CA ILE B 56 13.88 -8.44 -5.82
C ILE B 56 14.73 -7.30 -5.30
N PRO B 57 16.06 -7.39 -5.49
CA PRO B 57 17.03 -6.39 -5.06
C PRO B 57 16.68 -5.01 -5.62
N GLY B 58 16.80 -4.00 -4.78
CA GLY B 58 16.52 -2.64 -5.16
C GLY B 58 15.20 -2.48 -5.87
N CYS B 59 14.18 -3.19 -5.37
CA CYS B 59 12.88 -3.15 -5.99
C CYS B 59 11.78 -2.77 -5.00
N ASN B 60 11.19 -1.60 -5.23
CA ASN B 60 10.08 -1.09 -4.39
C ASN B 60 8.97 -0.84 -5.41
N PRO B 61 7.87 -1.63 -5.35
CA PRO B 61 6.73 -1.54 -6.25
C PRO B 61 6.05 -0.18 -6.40
N LEU B 62 6.10 0.64 -5.36
CA LEU B 62 5.40 1.92 -5.44
C LEU B 62 6.18 3.08 -6.03
N ILE B 63 7.52 3.02 -5.96
CA ILE B 63 8.37 4.11 -6.48
C ILE B 63 9.25 3.76 -7.68
N LYS B 64 9.35 2.47 -7.97
CA LYS B 64 10.17 1.94 -9.05
C LYS B 64 9.56 2.40 -10.36
N THR B 65 10.33 3.16 -11.15
CA THR B 65 9.89 3.67 -12.44
C THR B 65 10.31 2.70 -13.55
N TYR B 66 9.36 2.17 -14.32
CA TYR B 66 9.75 1.26 -15.39
C TYR B 66 9.48 1.91 -16.74
N SER B 67 9.74 1.18 -17.82
CA SER B 67 9.50 1.68 -19.16
C SER B 67 8.31 0.98 -19.79
N TYR B 68 7.37 1.76 -20.29
CA TYR B 68 6.20 1.16 -20.91
C TYR B 68 5.58 2.17 -21.86
N THR B 69 4.81 1.67 -22.81
CA THR B 69 4.15 2.54 -23.76
C THR B 69 2.65 2.23 -23.76
N CYS B 70 1.83 3.22 -24.08
CA CYS B 70 0.39 2.99 -24.18
C CYS B 70 -0.07 3.35 -25.58
N THR B 71 -0.68 2.39 -26.25
CA THR B 71 -1.25 2.63 -27.58
C THR B 71 -2.67 2.17 -27.34
N LYS B 72 -3.39 3.04 -26.64
CA LYS B 72 -4.79 2.85 -26.25
C LYS B 72 -5.56 1.99 -27.27
N PRO B 73 -6.10 0.85 -26.78
CA PRO B 73 -5.96 0.33 -25.41
C PRO B 73 -4.81 -0.60 -25.06
N ASN B 74 -3.76 -0.61 -25.87
CA ASN B 74 -2.66 -1.55 -25.63
C ASN B 74 -1.50 -1.05 -24.77
N ILE B 75 -1.10 -1.89 -23.81
CA ILE B 75 0.01 -1.57 -22.91
C ILE B 75 1.20 -2.46 -23.25
N THR B 76 2.39 -1.87 -23.35
CA THR B 76 3.59 -2.63 -23.64
C THR B 76 4.69 -2.34 -22.65
N CYS B 77 5.20 -3.40 -22.03
CA CYS B 77 6.31 -3.28 -21.08
C CYS B 77 7.56 -3.44 -21.90
N ASN B 78 8.47 -2.48 -21.80
CA ASN B 78 9.71 -2.51 -22.59
C ASN B 78 10.94 -3.13 -21.94
N ASP B 79 10.96 -3.19 -20.62
CA ASP B 79 12.12 -3.70 -19.96
C ASP B 79 12.41 -5.17 -20.16
N THR B 80 13.69 -5.48 -20.32
CA THR B 80 14.14 -6.84 -20.47
C THR B 80 15.24 -7.07 -19.46
N SER B 81 16.24 -6.20 -19.49
CA SER B 81 17.41 -6.29 -18.61
C SER B 81 17.16 -6.00 -17.15
N ASP B 82 16.47 -4.89 -16.90
CA ASP B 82 16.14 -4.47 -15.55
C ASP B 82 15.03 -5.39 -15.05
N SER B 83 15.41 -6.47 -14.38
CA SER B 83 14.45 -7.46 -13.87
C SER B 83 13.35 -6.88 -12.98
N CYS B 84 13.71 -5.95 -12.09
CA CYS B 84 12.74 -5.34 -11.20
C CYS B 84 11.71 -4.58 -12.03
N ALA B 85 12.20 -3.77 -12.95
CA ALA B 85 11.33 -2.99 -13.80
C ALA B 85 10.37 -3.89 -14.56
N ARG B 86 10.93 -4.90 -15.21
CA ARG B 86 10.13 -5.81 -16.01
C ARG B 86 9.07 -6.55 -15.22
N PHE B 87 9.42 -6.99 -14.01
CA PHE B 87 8.51 -7.72 -13.13
C PHE B 87 7.33 -6.86 -12.70
N ILE B 88 7.65 -5.66 -12.24
CA ILE B 88 6.66 -4.71 -11.77
C ILE B 88 5.76 -4.24 -12.91
N CYS B 89 6.34 -3.97 -14.08
CA CYS B 89 5.54 -3.52 -15.21
C CYS B 89 4.56 -4.63 -15.53
N ASP B 90 5.01 -5.88 -15.39
CA ASP B 90 4.14 -7.01 -15.68
C ASP B 90 2.99 -7.09 -14.68
N CYS B 91 3.29 -6.88 -13.39
CA CYS B 91 2.26 -6.90 -12.36
C CYS B 91 1.17 -5.91 -12.75
N ASP B 92 1.58 -4.67 -12.96
CA ASP B 92 0.65 -3.58 -13.29
C ASP B 92 -0.13 -3.80 -14.60
N ARG B 93 0.54 -4.26 -15.66
CA ARG B 93 -0.09 -4.49 -16.96
C ARG B 93 -1.12 -5.58 -16.79
N THR B 94 -0.75 -6.63 -16.09
CA THR B 94 -1.66 -7.74 -15.87
C THR B 94 -2.91 -7.26 -15.16
N ALA B 95 -2.72 -6.48 -14.10
CA ALA B 95 -3.82 -5.94 -13.34
C ALA B 95 -4.68 -5.01 -14.20
N ALA B 96 -4.03 -4.11 -14.94
CA ALA B 96 -4.73 -3.15 -15.81
C ALA B 96 -5.64 -3.87 -16.82
N ILE B 97 -5.12 -4.92 -17.45
CA ILE B 97 -5.90 -5.67 -18.41
C ILE B 97 -7.02 -6.45 -17.71
N CYS B 98 -6.69 -7.02 -16.57
CA CYS B 98 -7.65 -7.80 -15.78
C CYS B 98 -8.83 -6.91 -15.39
N PHE B 99 -8.53 -5.72 -14.87
CA PHE B 99 -9.56 -4.75 -14.50
C PHE B 99 -10.47 -4.47 -15.68
N ALA B 100 -9.86 -4.18 -16.83
CA ALA B 100 -10.63 -3.85 -18.02
C ALA B 100 -11.58 -4.94 -18.48
N SER B 101 -11.13 -6.19 -18.43
CA SER B 101 -11.97 -7.31 -18.88
C SER B 101 -12.99 -7.81 -17.85
N ALA B 102 -12.79 -7.48 -16.57
CA ALA B 102 -13.70 -7.97 -15.56
C ALA B 102 -14.95 -7.11 -15.41
N PRO B 103 -16.06 -7.74 -14.99
CA PRO B 103 -17.27 -6.94 -14.84
C PRO B 103 -17.10 -6.16 -13.56
N TYR B 104 -17.75 -5.01 -13.47
CA TYR B 104 -17.65 -4.19 -12.29
C TYR B 104 -19.01 -4.29 -11.60
N ASN B 105 -19.04 -4.98 -10.45
CA ASN B 105 -20.30 -5.16 -9.71
C ASN B 105 -20.46 -4.09 -8.64
N ILE B 106 -21.29 -3.09 -8.92
CA ILE B 106 -21.48 -1.98 -8.00
C ILE B 106 -21.97 -2.47 -6.64
N ASN B 107 -22.51 -3.68 -6.67
CA ASN B 107 -23.02 -4.37 -5.49
C ASN B 107 -21.81 -4.67 -4.60
N ASN B 108 -20.62 -4.74 -5.19
CA ASN B 108 -19.42 -5.07 -4.44
C ASN B 108 -18.50 -3.93 -4.04
N ILE B 109 -19.01 -2.72 -4.18
CA ILE B 109 -18.27 -1.54 -3.76
C ILE B 109 -18.67 -1.45 -2.29
N MET B 110 -17.71 -1.27 -1.40
CA MET B 110 -18.05 -1.13 0.01
C MET B 110 -18.68 -2.35 0.69
N ILE B 111 -17.85 -3.39 0.83
CA ILE B 111 -18.25 -4.65 1.45
C ILE B 111 -17.13 -5.14 2.38
N SER B 112 -15.98 -4.49 2.34
CA SER B 112 -14.81 -4.90 3.15
C SER B 112 -15.07 -5.06 4.65
N ALA B 113 -16.08 -4.38 5.17
CA ALA B 113 -16.38 -4.50 6.58
C ALA B 113 -17.60 -5.39 6.82
N SER B 114 -18.12 -5.97 5.73
CA SER B 114 -19.31 -6.86 5.77
C SER B 114 -18.90 -8.33 5.87
N THR B 115 -19.89 -9.21 6.09
CA THR B 115 -19.60 -10.64 6.21
C THR B 115 -18.77 -11.16 5.04
N SER B 116 -18.98 -10.58 3.88
CA SER B 116 -18.27 -10.96 2.63
C SER B 116 -16.76 -11.07 2.71
N CYS B 117 -16.12 -10.13 3.42
CA CYS B 117 -14.68 -10.14 3.52
C CYS B 117 -14.15 -10.78 4.77
N GLN B 118 -15.04 -11.44 5.48
CA GLN B 118 -14.75 -12.16 6.70
C GLN B 118 -13.76 -13.29 6.55
NA NA C . 4.63 -2.70 4.67
CL CL D . -15.43 13.88 17.53
C ACY E . 7.01 11.89 20.51
O ACY E . 8.21 11.66 20.05
OXT ACY E . 5.89 11.70 19.89
CH3 ACY E . 6.99 12.42 21.93
C ACY F . -12.89 14.10 10.67
O ACY F . -12.35 14.59 11.75
OXT ACY F . -12.36 14.02 9.51
CH3 ACY F . -14.28 13.56 10.88
C1 MAN G . -1.67 -4.19 0.48
C2 MAN G . -1.21 -5.62 0.51
C3 MAN G . -0.95 -5.96 1.98
C4 MAN G . 0.15 -5.01 2.54
C5 MAN G . -0.08 -3.49 2.22
C6 MAN G . 1.36 -2.78 2.03
O1 MAN G . -2.08 -3.86 -0.81
O2 MAN G . 0.03 -5.68 -0.19
O3 MAN G . -0.49 -7.31 2.05
O4 MAN G . 0.25 -5.18 3.94
O5 MAN G . -0.56 -3.37 0.84
O6 MAN G . 1.96 -2.13 3.22
C1 MAN H . -0.16 1.98 -0.42
C2 MAN H . 0.02 3.43 -0.82
C3 MAN H . 1.49 3.62 -0.95
C4 MAN H . 2.21 3.31 0.36
C5 MAN H . 1.73 2.02 1.09
C6 MAN H . 2.05 2.15 2.59
O1 MAN H . -1.50 1.62 -0.52
O2 MAN H . -0.52 4.33 -0.40
O3 MAN H . 1.76 4.97 -1.34
O4 MAN H . 3.59 3.13 0.09
O5 MAN H . 0.28 1.82 0.95
O6 MAN H . 1.38 1.21 3.40
NA NA I . -5.17 -4.61 -1.75
CL CL J . 16.02 -3.55 -21.72
C ACY K . 13.78 1.94 -16.93
O ACY K . 13.57 1.42 -18.11
OXT ACY K . 13.02 2.74 -16.27
CH3 ACY K . 15.11 1.50 -16.32
#